data_9LHS
#
_entry.id   9LHS
#
_cell.length_a   66.810
_cell.length_b   66.810
_cell.length_c   142.480
_cell.angle_alpha   90.000
_cell.angle_beta   90.000
_cell.angle_gamma   90.000
#
_symmetry.space_group_name_H-M   'P 41 21 2'
#
loop_
_entity.id
_entity.type
_entity.pdbx_description
1 polymer 'DUF3494 domain-containing protein'
2 water water
#
_entity_poly.entity_id   1
_entity_poly.type   'polypeptide(L)'
_entity_poly.pdbx_seq_one_letter_code
;GSHMAGPVAVVLGTAGNFVVLAKSGISTTGSTHVTGDIGVSPAAASAITGFGLTMDKSNTFSRSSLVTGKVYAADYHPPT
PHNMTTAVSNMETAYTAAAGVTAPAPVVGLGAGNIGGMTIAPGVYKWSTGVTIPTNVTLAGGANDVWIFQIAQTLDISSA
QKVILSGGAQAANIFWQVAGQTTLGTTSVFNGTILDLKAIVLNTGATLNGRALSQTAVTLDASTVSASVAA
;
_entity_poly.pdbx_strand_id   A
#
# COMPACT_ATOMS: atom_id res chain seq x y z
N MET A 4 11.03 18.90 4.16
CA MET A 4 11.08 20.25 4.83
C MET A 4 9.84 20.44 5.75
N ALA A 5 8.60 20.20 5.30
CA ALA A 5 7.38 20.15 6.18
C ALA A 5 6.93 18.69 6.45
N GLY A 6 6.42 18.46 7.68
CA GLY A 6 5.88 17.18 8.14
C GLY A 6 6.99 16.33 8.74
N PRO A 7 6.69 15.05 9.01
CA PRO A 7 7.66 14.14 9.62
C PRO A 7 8.73 13.68 8.63
N VAL A 8 9.74 12.98 9.14
CA VAL A 8 10.74 12.25 8.31
C VAL A 8 10.02 11.12 7.56
N ALA A 9 10.39 10.93 6.31
CA ALA A 9 9.81 9.85 5.49
C ALA A 9 10.09 8.50 6.15
N VAL A 10 9.12 7.61 6.08
CA VAL A 10 9.23 6.21 6.56
C VAL A 10 10.25 5.46 5.70
N VAL A 11 11.14 4.71 6.31
CA VAL A 11 12.16 3.92 5.57
C VAL A 11 11.58 2.52 5.32
N LEU A 12 11.45 2.14 4.04
CA LEU A 12 10.77 0.86 3.63
C LEU A 12 11.78 -0.27 3.48
N GLY A 13 13.08 0.05 3.38
CA GLY A 13 14.12 -0.92 2.98
C GLY A 13 13.72 -1.63 1.69
N THR A 14 13.88 -2.94 1.61
CA THR A 14 13.64 -3.68 0.36
C THR A 14 12.12 -3.91 0.17
N ALA A 15 11.26 -3.64 1.15
CA ALA A 15 9.80 -3.57 0.91
C ALA A 15 9.51 -2.51 -0.17
N GLY A 16 10.36 -1.49 -0.29
CA GLY A 16 10.25 -0.42 -1.30
C GLY A 16 10.40 -0.92 -2.72
N ASN A 17 10.88 -2.16 -2.89
CA ASN A 17 11.15 -2.74 -4.23
C ASN A 17 9.86 -3.36 -4.77
N PHE A 18 8.80 -3.42 -3.99
CA PHE A 18 7.53 -4.08 -4.37
C PHE A 18 6.41 -3.05 -4.48
N VAL A 19 5.43 -3.33 -5.35
CA VAL A 19 4.18 -2.54 -5.33
C VAL A 19 3.06 -3.35 -4.69
N VAL A 20 3.21 -4.67 -4.63
CA VAL A 20 2.29 -5.49 -3.80
C VAL A 20 3.14 -6.49 -3.04
N LEU A 21 3.04 -6.47 -1.73
CA LEU A 21 3.81 -7.39 -0.85
C LEU A 21 2.87 -7.88 0.24
N ALA A 22 2.80 -9.21 0.40
CA ALA A 22 1.85 -9.85 1.33
C ALA A 22 2.48 -11.06 2.02
N LYS A 23 1.93 -11.42 3.17
CA LYS A 23 2.42 -12.55 3.97
C LYS A 23 1.55 -13.78 3.69
N SER A 24 0.26 -13.64 3.45
CA SER A 24 -0.65 -14.81 3.37
C SER A 24 -1.22 -15.01 1.96
N GLY A 25 -1.20 -14.01 1.07
CA GLY A 25 -1.63 -14.23 -0.32
C GLY A 25 -1.86 -12.94 -1.10
N ILE A 26 -1.93 -13.09 -2.41
CA ILE A 26 -2.40 -12.03 -3.34
C ILE A 26 -3.37 -12.72 -4.28
N SER A 27 -4.56 -12.16 -4.44
CA SER A 27 -5.58 -12.71 -5.35
C SER A 27 -6.04 -11.63 -6.33
N THR A 28 -6.33 -12.02 -7.55
CA THR A 28 -6.87 -11.09 -8.58
C THR A 28 -8.02 -11.78 -9.31
N THR A 29 -8.98 -10.97 -9.75
CA THR A 29 -10.04 -11.32 -10.70
C THR A 29 -10.19 -10.20 -11.70
N GLY A 30 -10.71 -10.47 -12.89
CA GLY A 30 -10.91 -9.44 -13.91
C GLY A 30 -9.62 -8.81 -14.46
N SER A 31 -9.79 -7.63 -15.06
CA SER A 31 -8.75 -6.94 -15.86
C SER A 31 -7.79 -6.19 -14.96
N THR A 32 -7.11 -6.87 -14.06
CA THR A 32 -6.07 -6.27 -13.19
C THR A 32 -4.82 -5.94 -14.01
N HIS A 33 -4.13 -4.89 -13.62
CA HIS A 33 -2.81 -4.55 -14.23
C HIS A 33 -1.92 -3.98 -13.14
N VAL A 34 -0.81 -4.63 -12.90
CA VAL A 34 0.15 -4.19 -11.87
C VAL A 34 1.42 -3.76 -12.56
N THR A 35 1.85 -2.51 -12.33
CA THR A 35 3.17 -2.04 -12.78
C THR A 35 4.19 -2.04 -11.63
N GLY A 36 5.13 -2.97 -11.68
CA GLY A 36 6.11 -3.23 -10.61
C GLY A 36 6.21 -4.71 -10.28
N ASP A 37 6.86 -5.01 -9.16
CA ASP A 37 7.08 -6.40 -8.69
C ASP A 37 6.08 -6.74 -7.58
N ILE A 38 5.70 -8.01 -7.48
CA ILE A 38 4.83 -8.45 -6.37
C ILE A 38 5.49 -9.65 -5.73
N GLY A 39 5.12 -9.92 -4.48
CA GLY A 39 5.71 -11.07 -3.79
C GLY A 39 4.93 -11.48 -2.57
N VAL A 40 5.03 -12.75 -2.21
CA VAL A 40 4.46 -13.26 -0.93
C VAL A 40 5.56 -14.02 -0.18
N SER A 41 5.52 -13.87 1.12
CA SER A 41 6.35 -14.65 2.07
C SER A 41 5.76 -14.41 3.45
N PRO A 42 5.63 -15.43 4.32
CA PRO A 42 6.15 -16.78 4.08
C PRO A 42 5.24 -17.77 3.33
N ALA A 43 4.06 -17.34 2.90
CA ALA A 43 3.22 -18.13 1.98
C ALA A 43 4.05 -18.51 0.72
N ALA A 44 3.61 -19.58 0.08
CA ALA A 44 4.17 -20.10 -1.18
C ALA A 44 3.45 -19.46 -2.36
N ALA A 45 3.98 -19.67 -3.56
CA ALA A 45 3.38 -19.17 -4.82
C ALA A 45 1.93 -19.63 -4.98
N SER A 46 1.51 -20.81 -4.46
CA SER A 46 0.10 -21.25 -4.54
C SER A 46 -0.88 -20.24 -3.93
N ALA A 47 -0.41 -19.35 -3.07
CA ALA A 47 -1.22 -18.32 -2.39
C ALA A 47 -1.33 -17.06 -3.27
N ILE A 48 -0.65 -17.06 -4.41
CA ILE A 48 -0.85 -16.05 -5.48
C ILE A 48 -1.81 -16.66 -6.49
N THR A 49 -3.02 -16.13 -6.58
CA THR A 49 -4.11 -16.75 -7.36
C THR A 49 -4.61 -15.77 -8.40
N GLY A 50 -4.92 -16.32 -9.57
CA GLY A 50 -5.59 -15.59 -10.67
C GLY A 50 -4.59 -14.95 -11.64
N PHE A 51 -3.29 -15.04 -11.38
CA PHE A 51 -2.24 -14.33 -12.15
C PHE A 51 -1.63 -15.20 -13.27
N GLY A 52 -1.89 -16.50 -13.30
CA GLY A 52 -1.32 -17.39 -14.36
C GLY A 52 0.21 -17.42 -14.43
N LEU A 53 0.89 -17.82 -13.39
CA LEU A 53 2.35 -17.61 -13.25
C LEU A 53 3.09 -18.59 -14.17
N THR A 54 4.17 -18.13 -14.78
CA THR A 54 5.10 -18.99 -15.54
C THR A 54 6.50 -18.83 -14.95
N MET A 55 7.06 -19.89 -14.36
CA MET A 55 8.43 -19.84 -13.80
C MET A 55 9.47 -19.46 -14.86
N ASP A 56 10.35 -18.54 -14.51
CA ASP A 56 11.59 -18.28 -15.25
C ASP A 56 12.47 -19.54 -15.18
N LYS A 57 13.31 -19.76 -16.19
CA LYS A 57 14.23 -20.93 -16.20
C LYS A 57 15.11 -20.92 -14.94
N SER A 58 15.39 -19.77 -14.34
CA SER A 58 16.20 -19.68 -13.09
C SER A 58 15.44 -20.26 -11.90
N ASN A 59 14.11 -20.37 -11.98
CA ASN A 59 13.21 -20.75 -10.86
C ASN A 59 13.32 -19.76 -9.69
N THR A 60 13.84 -18.56 -9.93
CA THR A 60 13.95 -17.49 -8.89
C THR A 60 12.76 -16.52 -8.93
N PHE A 61 12.00 -16.52 -10.01
CA PHE A 61 10.81 -15.63 -10.17
C PHE A 61 9.93 -16.25 -11.23
N SER A 62 8.71 -15.75 -11.32
CA SER A 62 7.73 -16.08 -12.35
C SER A 62 7.26 -14.81 -13.05
N ARG A 63 6.68 -14.97 -14.23
CA ARG A 63 6.07 -13.85 -14.97
C ARG A 63 4.58 -14.09 -15.03
N SER A 64 3.82 -13.01 -15.09
CA SER A 64 2.36 -12.98 -15.26
C SER A 64 1.99 -12.01 -16.37
N SER A 65 0.94 -12.33 -17.08
CA SER A 65 0.29 -11.46 -18.09
C SER A 65 -0.29 -10.19 -17.44
N LEU A 66 -0.41 -10.14 -16.10
CA LEU A 66 -1.07 -9.01 -15.41
C LEU A 66 -0.04 -8.16 -14.71
N VAL A 67 1.24 -8.53 -14.78
CA VAL A 67 2.35 -7.87 -14.05
C VAL A 67 3.43 -7.43 -15.02
N THR A 68 3.82 -6.15 -14.97
CA THR A 68 4.91 -5.60 -15.83
C THR A 68 6.29 -6.06 -15.32
N GLY A 69 6.40 -6.38 -14.06
CA GLY A 69 7.64 -6.76 -13.42
C GLY A 69 7.73 -8.26 -13.20
N LYS A 70 8.22 -8.63 -12.03
CA LYS A 70 8.45 -10.04 -11.68
C LYS A 70 7.57 -10.40 -10.49
N VAL A 71 7.33 -11.69 -10.36
CA VAL A 71 6.56 -12.28 -9.24
C VAL A 71 7.51 -13.16 -8.45
N TYR A 72 7.51 -12.99 -7.14
CA TYR A 72 8.38 -13.71 -6.20
C TYR A 72 7.55 -14.40 -5.13
N ALA A 73 8.08 -15.50 -4.59
CA ALA A 73 7.39 -16.26 -3.54
C ALA A 73 8.42 -17.02 -2.72
N ALA A 74 8.05 -17.33 -1.48
CA ALA A 74 8.95 -17.93 -0.46
C ALA A 74 9.50 -19.31 -0.91
N ASP A 75 8.76 -20.04 -1.76
CA ASP A 75 9.12 -21.43 -2.20
C ASP A 75 9.95 -21.40 -3.49
N TYR A 76 10.31 -20.21 -4.01
CA TYR A 76 11.17 -20.11 -5.21
C TYR A 76 12.63 -20.43 -4.82
N HIS A 77 13.48 -20.55 -5.82
CA HIS A 77 14.91 -20.91 -5.66
C HIS A 77 15.73 -19.74 -5.13
N PRO A 78 16.75 -20.05 -4.29
CA PRO A 78 17.72 -19.05 -3.85
C PRO A 78 18.26 -18.14 -4.94
N PRO A 79 18.41 -16.83 -4.71
CA PRO A 79 18.28 -16.23 -3.37
C PRO A 79 16.89 -15.69 -2.99
N THR A 80 15.83 -16.08 -3.71
CA THR A 80 14.48 -15.50 -3.50
C THR A 80 13.97 -15.70 -2.06
N PRO A 81 14.05 -16.89 -1.43
CA PRO A 81 13.55 -17.05 -0.06
C PRO A 81 14.18 -16.03 0.89
N HIS A 82 15.48 -15.83 0.79
CA HIS A 82 16.21 -14.89 1.69
C HIS A 82 15.76 -13.46 1.37
N ASN A 83 15.68 -13.13 0.10
CA ASN A 83 15.31 -11.76 -0.33
C ASN A 83 13.89 -11.49 0.16
N MET A 84 12.98 -12.50 0.10
CA MET A 84 11.58 -12.26 0.50
C MET A 84 11.50 -12.16 2.01
N THR A 85 12.29 -12.95 2.76
CA THR A 85 12.33 -12.83 4.24
C THR A 85 12.77 -11.42 4.64
N THR A 86 13.81 -10.89 4.00
CA THR A 86 14.33 -9.52 4.23
C THR A 86 13.23 -8.50 3.87
N ALA A 87 12.58 -8.61 2.70
CA ALA A 87 11.51 -7.64 2.33
C ALA A 87 10.38 -7.64 3.38
N VAL A 88 9.90 -8.80 3.78
CA VAL A 88 8.75 -8.88 4.71
C VAL A 88 9.19 -8.34 6.08
N SER A 89 10.41 -8.64 6.55
CA SER A 89 10.94 -8.03 7.80
C SER A 89 10.98 -6.50 7.67
N ASN A 90 11.47 -6.00 6.53
CA ASN A 90 11.56 -4.54 6.27
C ASN A 90 10.15 -3.94 6.24
N MET A 91 9.15 -4.66 5.74
CA MET A 91 7.74 -4.20 5.76
C MET A 91 7.27 -4.12 7.22
N GLU A 92 7.51 -5.18 8.02
CA GLU A 92 7.11 -5.16 9.46
C GLU A 92 7.79 -3.99 10.19
N THR A 93 9.08 -3.78 9.97
CA THR A 93 9.86 -2.67 10.55
C THR A 93 9.20 -1.34 10.14
N ALA A 94 8.91 -1.14 8.86
CA ALA A 94 8.28 0.10 8.38
C ALA A 94 6.93 0.33 9.03
N TYR A 95 6.09 -0.70 9.17
CA TYR A 95 4.75 -0.62 9.77
C TYR A 95 4.91 -0.07 11.18
N THR A 96 5.79 -0.72 11.94
CA THR A 96 5.96 -0.40 13.38
C THR A 96 6.59 1.00 13.53
N ALA A 97 7.57 1.34 12.70
CA ALA A 97 8.21 2.67 12.67
C ALA A 97 7.13 3.74 12.40
N ALA A 98 6.31 3.54 11.35
CA ALA A 98 5.26 4.49 10.96
C ALA A 98 4.25 4.66 12.09
N ALA A 99 3.81 3.57 12.72
CA ALA A 99 2.83 3.60 13.82
C ALA A 99 3.41 4.38 15.00
N GLY A 100 4.75 4.36 15.16
CA GLY A 100 5.45 4.90 16.34
C GLY A 100 5.93 6.32 16.20
N VAL A 101 5.75 6.93 15.04
CA VAL A 101 6.24 8.32 14.80
C VAL A 101 5.51 9.23 15.81
N THR A 102 6.26 10.12 16.44
CA THR A 102 5.73 11.00 17.50
C THR A 102 5.88 12.48 17.16
N ALA A 103 6.70 12.82 16.17
CA ALA A 103 7.04 14.23 15.89
C ALA A 103 6.93 14.47 14.39
N PRO A 104 6.56 15.68 13.94
CA PRO A 104 6.01 16.71 14.83
C PRO A 104 4.70 16.24 15.47
N ALA A 105 4.24 17.01 16.47
CA ALA A 105 3.02 16.76 17.24
C ALA A 105 1.88 16.36 16.32
N PRO A 106 1.33 15.15 16.48
CA PRO A 106 0.27 14.73 15.56
C PRO A 106 -1.02 15.54 15.78
N VAL A 107 -1.78 15.69 14.71
CA VAL A 107 -3.20 16.12 14.77
C VAL A 107 -4.03 14.87 15.06
N VAL A 108 -4.81 14.90 16.13
CA VAL A 108 -5.62 13.73 16.56
C VAL A 108 -7.09 13.90 16.18
N GLY A 109 -7.69 12.87 15.58
CA GLY A 109 -9.13 12.84 15.34
C GLY A 109 -9.61 13.86 14.33
N LEU A 110 -8.81 14.22 13.33
CA LEU A 110 -9.26 15.14 12.25
C LEU A 110 -10.60 14.64 11.69
N GLY A 111 -11.61 15.52 11.64
CA GLY A 111 -12.89 15.20 11.01
C GLY A 111 -13.64 14.08 11.73
N ALA A 112 -13.23 13.76 12.94
CA ALA A 112 -13.69 12.60 13.70
C ALA A 112 -13.56 11.35 12.83
N GLY A 113 -12.57 11.29 11.95
CA GLY A 113 -12.39 10.11 11.10
C GLY A 113 -12.86 10.33 9.66
N ASN A 114 -13.73 11.30 9.41
CA ASN A 114 -14.25 11.61 8.05
C ASN A 114 -13.45 12.78 7.48
N ILE A 115 -12.54 12.49 6.54
CA ILE A 115 -11.64 13.54 5.95
C ILE A 115 -12.15 13.94 4.57
N GLY A 116 -13.36 13.52 4.20
CA GLY A 116 -13.97 13.89 2.92
C GLY A 116 -13.98 15.40 2.70
N GLY A 117 -13.53 15.83 1.55
CA GLY A 117 -13.55 17.25 1.14
C GLY A 117 -12.49 18.10 1.79
N MET A 118 -11.61 17.53 2.59
CA MET A 118 -10.57 18.32 3.28
C MET A 118 -9.38 18.57 2.36
N THR A 119 -8.65 19.63 2.68
CA THR A 119 -7.28 19.90 2.17
C THR A 119 -6.31 19.72 3.33
N ILE A 120 -5.40 18.78 3.21
CA ILE A 120 -4.56 18.34 4.36
C ILE A 120 -3.12 18.67 4.08
N ALA A 121 -2.51 19.47 4.97
CA ALA A 121 -1.09 19.89 4.88
C ALA A 121 -0.20 18.75 5.36
N PRO A 122 1.10 18.78 5.03
CA PRO A 122 2.09 17.80 5.51
C PRO A 122 2.02 17.73 7.02
N GLY A 123 2.12 16.52 7.56
CA GLY A 123 2.05 16.35 9.01
C GLY A 123 1.86 14.90 9.38
N VAL A 124 1.71 14.66 10.67
CA VAL A 124 1.32 13.37 11.25
C VAL A 124 -0.12 13.54 11.70
N TYR A 125 -0.96 12.61 11.27
CA TYR A 125 -2.39 12.54 11.59
C TYR A 125 -2.70 11.17 12.20
N LYS A 126 -3.30 11.18 13.37
CA LYS A 126 -3.57 9.96 14.16
C LYS A 126 -5.05 9.85 14.46
N TRP A 127 -5.60 8.66 14.34
CA TRP A 127 -7.00 8.36 14.73
C TRP A 127 -7.00 7.09 15.56
N SER A 128 -7.80 7.05 16.63
CA SER A 128 -8.12 5.79 17.36
C SER A 128 -9.34 5.14 16.75
N THR A 129 -10.02 5.85 15.86
CA THR A 129 -11.15 5.36 15.07
C THR A 129 -10.65 4.79 13.72
N GLY A 130 -11.59 4.40 12.87
CA GLY A 130 -11.36 4.25 11.41
C GLY A 130 -11.35 5.60 10.74
N VAL A 131 -10.96 5.61 9.47
CA VAL A 131 -10.99 6.80 8.62
C VAL A 131 -11.84 6.46 7.40
N THR A 132 -12.69 7.40 7.03
CA THR A 132 -13.48 7.36 5.77
C THR A 132 -13.14 8.55 4.90
N ILE A 133 -13.26 8.31 3.60
CA ILE A 133 -13.04 9.34 2.55
C ILE A 133 -14.29 9.25 1.67
N PRO A 134 -15.43 9.81 2.11
CA PRO A 134 -16.69 9.74 1.35
C PRO A 134 -16.72 10.70 0.15
N THR A 135 -15.85 11.69 0.11
CA THR A 135 -15.71 12.60 -1.03
C THR A 135 -14.24 12.93 -1.13
N ASN A 136 -13.80 13.32 -2.31
CA ASN A 136 -12.39 13.59 -2.63
C ASN A 136 -11.72 14.35 -1.49
N VAL A 137 -10.50 13.94 -1.18
CA VAL A 137 -9.62 14.61 -0.18
C VAL A 137 -8.38 15.08 -0.91
N THR A 138 -7.88 16.25 -0.56
CA THR A 138 -6.66 16.79 -1.19
C THR A 138 -5.51 16.85 -0.18
N LEU A 139 -4.36 16.37 -0.62
CA LEU A 139 -3.08 16.47 0.12
C LEU A 139 -2.27 17.53 -0.62
N ALA A 140 -2.07 18.67 0.02
CA ALA A 140 -1.41 19.86 -0.58
C ALA A 140 -0.07 20.11 0.12
N GLY A 141 1.02 20.08 -0.62
CA GLY A 141 2.36 20.42 -0.10
C GLY A 141 3.40 20.23 -1.18
N GLY A 142 4.67 20.36 -0.83
CA GLY A 142 5.73 20.38 -1.84
C GLY A 142 6.25 19.00 -2.16
N ALA A 143 7.14 18.94 -3.15
CA ALA A 143 7.73 17.70 -3.68
C ALA A 143 8.48 16.91 -2.58
N ASN A 144 8.98 17.55 -1.52
CA ASN A 144 9.73 16.80 -0.48
C ASN A 144 8.95 16.74 0.83
N ASP A 145 7.70 17.17 0.84
CA ASP A 145 6.92 17.17 2.09
C ASP A 145 6.34 15.76 2.32
N VAL A 146 6.10 15.43 3.57
CA VAL A 146 5.69 14.04 3.96
C VAL A 146 4.38 14.10 4.72
N TRP A 147 3.55 13.08 4.51
CA TRP A 147 2.33 12.83 5.29
C TRP A 147 2.46 11.43 5.89
N ILE A 148 2.19 11.30 7.16
CA ILE A 148 2.02 9.97 7.83
C ILE A 148 0.68 9.93 8.53
N PHE A 149 -0.12 8.95 8.14
CA PHE A 149 -1.48 8.74 8.64
C PHE A 149 -1.42 7.50 9.54
N GLN A 150 -1.89 7.62 10.78
CA GLN A 150 -1.79 6.53 11.78
C GLN A 150 -3.19 6.11 12.18
N ILE A 151 -3.67 4.96 11.73
CA ILE A 151 -5.10 4.61 11.79
C ILE A 151 -5.25 3.31 12.57
N ALA A 152 -5.93 3.39 13.70
CA ALA A 152 -6.08 2.26 14.66
C ALA A 152 -7.08 1.23 14.18
N GLN A 153 -8.04 1.58 13.32
CA GLN A 153 -9.06 0.65 12.83
C GLN A 153 -9.01 0.64 11.29
N THR A 154 -10.13 0.77 10.61
CA THR A 154 -10.22 0.55 9.14
C THR A 154 -9.92 1.85 8.41
N LEU A 155 -9.54 1.71 7.13
CA LEU A 155 -9.43 2.84 6.19
C LEU A 155 -10.33 2.48 4.99
N ASP A 156 -11.20 3.40 4.61
CA ASP A 156 -12.09 3.23 3.45
C ASP A 156 -12.05 4.48 2.59
N ILE A 157 -11.98 4.29 1.28
CA ILE A 157 -12.32 5.43 0.37
C ILE A 157 -13.54 4.98 -0.45
N SER A 158 -14.55 5.84 -0.55
CA SER A 158 -15.86 5.53 -1.19
C SER A 158 -15.70 5.41 -2.71
N SER A 159 -16.66 4.76 -3.38
CA SER A 159 -16.71 4.58 -4.85
C SER A 159 -16.50 5.91 -5.55
N ALA A 160 -15.58 5.93 -6.53
CA ALA A 160 -15.31 7.05 -7.46
C ALA A 160 -14.77 8.29 -6.74
N GLN A 161 -14.24 8.14 -5.52
CA GLN A 161 -13.57 9.25 -4.81
C GLN A 161 -12.07 9.08 -4.89
N LYS A 162 -11.33 10.15 -4.63
CA LYS A 162 -9.89 10.18 -4.87
C LYS A 162 -9.14 10.86 -3.75
N VAL A 163 -7.91 10.44 -3.62
CA VAL A 163 -6.86 11.22 -2.93
C VAL A 163 -6.23 12.09 -4.00
N ILE A 164 -6.50 13.40 -3.95
CA ILE A 164 -5.92 14.34 -4.95
C ILE A 164 -4.59 14.86 -4.37
N LEU A 165 -3.57 14.92 -5.19
CA LEU A 165 -2.25 15.55 -4.84
C LEU A 165 -2.17 16.92 -5.49
N SER A 166 -1.80 17.95 -4.73
CA SER A 166 -1.54 19.28 -5.29
C SER A 166 -0.29 19.92 -4.66
N GLY A 167 0.32 20.86 -5.40
CA GLY A 167 1.44 21.65 -4.88
C GLY A 167 2.80 21.03 -5.10
N GLY A 168 2.91 19.79 -5.60
CA GLY A 168 4.17 19.05 -5.68
C GLY A 168 4.13 17.74 -4.89
N ALA A 169 3.11 17.57 -4.05
CA ALA A 169 2.91 16.35 -3.21
C ALA A 169 3.15 15.13 -4.08
N GLN A 170 3.95 14.16 -3.59
CA GLN A 170 4.32 12.94 -4.32
C GLN A 170 3.83 11.72 -3.52
N ALA A 171 3.24 10.75 -4.21
CA ALA A 171 2.76 9.49 -3.58
C ALA A 171 3.87 8.78 -2.80
N ALA A 172 5.13 8.89 -3.25
CA ALA A 172 6.29 8.25 -2.59
C ALA A 172 6.51 8.79 -1.19
N ASN A 173 5.95 9.96 -0.89
CA ASN A 173 6.17 10.65 0.42
C ASN A 173 4.90 10.60 1.28
N ILE A 174 3.94 9.70 0.99
CA ILE A 174 2.64 9.64 1.67
C ILE A 174 2.51 8.21 2.20
N PHE A 175 2.39 8.07 3.53
CA PHE A 175 2.37 6.75 4.21
C PHE A 175 1.10 6.62 5.03
N TRP A 176 0.41 5.52 4.80
CA TRP A 176 -0.87 5.20 5.47
C TRP A 176 -0.59 3.95 6.30
N GLN A 177 -0.48 4.14 7.61
CA GLN A 177 -0.31 3.02 8.59
C GLN A 177 -1.68 2.65 9.13
N VAL A 178 -2.13 1.42 8.86
CA VAL A 178 -3.52 1.00 9.10
C VAL A 178 -3.51 -0.35 9.84
N ALA A 179 -4.09 -0.39 11.03
CA ALA A 179 -4.13 -1.63 11.81
C ALA A 179 -5.30 -2.52 11.37
N GLY A 180 -6.40 -1.97 10.88
CA GLY A 180 -7.53 -2.77 10.35
C GLY A 180 -7.45 -2.90 8.83
N GLN A 181 -8.48 -3.44 8.22
CA GLN A 181 -8.51 -3.61 6.76
C GLN A 181 -8.59 -2.22 6.10
N THR A 182 -7.92 -2.08 4.95
CA THR A 182 -8.06 -0.96 4.02
C THR A 182 -8.93 -1.47 2.86
N THR A 183 -9.98 -0.75 2.54
CA THR A 183 -10.83 -1.03 1.36
C THR A 183 -10.84 0.17 0.43
N LEU A 184 -10.48 -0.05 -0.81
CA LEU A 184 -10.52 0.97 -1.88
C LEU A 184 -11.79 0.70 -2.67
N GLY A 185 -12.75 1.62 -2.59
CA GLY A 185 -14.07 1.43 -3.21
C GLY A 185 -13.98 1.36 -4.73
N THR A 186 -15.07 0.91 -5.37
CA THR A 186 -15.10 0.73 -6.85
C THR A 186 -14.73 2.08 -7.51
N THR A 187 -13.84 2.03 -8.50
CA THR A 187 -13.39 3.17 -9.33
C THR A 187 -12.72 4.27 -8.50
N SER A 188 -12.30 4.02 -7.25
CA SER A 188 -11.58 5.06 -6.46
C SER A 188 -10.15 5.22 -6.98
N VAL A 189 -9.50 6.32 -6.62
CA VAL A 189 -8.10 6.59 -6.99
C VAL A 189 -7.38 6.96 -5.70
N PHE A 190 -6.38 6.16 -5.35
CA PHE A 190 -5.68 6.30 -4.06
C PHE A 190 -4.20 6.53 -4.33
N ASN A 191 -3.57 7.35 -3.50
CA ASN A 191 -2.14 7.70 -3.60
C ASN A 191 -1.46 7.44 -2.23
N GLY A 192 -0.39 6.68 -2.26
CA GLY A 192 0.54 6.54 -1.13
C GLY A 192 0.90 5.10 -0.87
N THR A 193 1.76 4.87 0.09
CA THR A 193 2.21 3.51 0.50
C THR A 193 1.32 3.11 1.67
N ILE A 194 0.58 2.03 1.49
CA ILE A 194 -0.27 1.42 2.52
C ILE A 194 0.52 0.36 3.24
N LEU A 195 0.75 0.59 4.53
CA LEU A 195 1.37 -0.35 5.49
C LEU A 195 0.25 -0.88 6.37
N ASP A 196 -0.20 -2.09 6.06
CA ASP A 196 -1.43 -2.61 6.66
C ASP A 196 -1.07 -3.81 7.53
N LEU A 197 -1.70 -3.89 8.69
CA LEU A 197 -1.52 -5.11 9.54
C LEU A 197 -2.45 -6.22 9.04
N LYS A 198 -3.56 -5.84 8.42
CA LYS A 198 -4.58 -6.75 7.86
C LYS A 198 -4.68 -6.53 6.34
N ALA A 199 -5.80 -6.94 5.76
CA ALA A 199 -5.95 -7.05 4.30
C ALA A 199 -6.00 -5.65 3.68
N ILE A 200 -5.52 -5.59 2.43
CA ILE A 200 -5.75 -4.44 1.52
C ILE A 200 -6.63 -4.97 0.38
N VAL A 201 -7.81 -4.44 0.28
CA VAL A 201 -8.84 -4.93 -0.67
C VAL A 201 -9.12 -3.81 -1.69
N LEU A 202 -8.88 -4.09 -2.96
CA LEU A 202 -9.21 -3.14 -4.07
C LEU A 202 -10.46 -3.66 -4.76
N ASN A 203 -11.55 -2.95 -4.58
CA ASN A 203 -12.83 -3.30 -5.24
C ASN A 203 -12.78 -2.89 -6.73
N THR A 204 -13.77 -3.35 -7.48
CA THR A 204 -13.81 -3.25 -8.95
C THR A 204 -13.28 -1.91 -9.47
N GLY A 205 -12.24 -1.96 -10.29
CA GLY A 205 -11.75 -0.81 -11.05
C GLY A 205 -11.05 0.24 -10.20
N ALA A 206 -10.67 -0.06 -8.96
CA ALA A 206 -9.88 0.87 -8.14
C ALA A 206 -8.46 1.03 -8.69
N THR A 207 -7.84 2.19 -8.44
CA THR A 207 -6.45 2.50 -8.82
C THR A 207 -5.68 2.86 -7.55
N LEU A 208 -4.50 2.30 -7.40
CA LEU A 208 -3.54 2.63 -6.33
C LEU A 208 -2.25 3.07 -7.01
N ASN A 209 -1.90 4.30 -6.78
CA ASN A 209 -0.57 4.84 -7.15
C ASN A 209 0.28 4.81 -5.88
N GLY A 210 1.22 3.91 -5.80
CA GLY A 210 2.04 3.70 -4.58
C GLY A 210 2.23 2.21 -4.36
N ARG A 211 1.92 1.74 -3.16
CA ARG A 211 2.31 0.35 -2.76
C ARG A 211 1.28 -0.22 -1.80
N ALA A 212 0.97 -1.50 -1.95
CA ALA A 212 0.09 -2.24 -1.04
C ALA A 212 0.95 -3.26 -0.28
N LEU A 213 1.27 -2.95 0.99
CA LEU A 213 2.22 -3.73 1.81
C LEU A 213 1.44 -4.28 3.01
N SER A 214 0.96 -5.52 2.89
CA SER A 214 0.03 -6.13 3.88
C SER A 214 0.74 -7.23 4.66
N GLN A 215 0.41 -7.31 5.94
CA GLN A 215 0.86 -8.48 6.76
C GLN A 215 -0.16 -9.61 6.71
N THR A 216 -1.22 -9.50 5.91
CA THR A 216 -2.08 -10.65 5.53
C THR A 216 -2.13 -10.75 4.00
N ALA A 217 -3.26 -10.42 3.42
CA ALA A 217 -3.53 -10.67 1.99
C ALA A 217 -3.85 -9.37 1.28
N VAL A 218 -3.55 -9.34 -0.01
CA VAL A 218 -4.05 -8.25 -0.89
C VAL A 218 -4.99 -8.85 -1.92
N THR A 219 -6.13 -8.23 -2.13
CA THR A 219 -7.09 -8.66 -3.18
C THR A 219 -7.27 -7.54 -4.20
N LEU A 220 -7.29 -7.93 -5.48
CA LEU A 220 -7.41 -6.96 -6.60
C LEU A 220 -8.58 -7.40 -7.50
N ASP A 221 -9.53 -6.53 -7.74
CA ASP A 221 -10.68 -6.84 -8.64
C ASP A 221 -10.64 -5.83 -9.77
N ALA A 222 -10.20 -6.29 -10.94
CA ALA A 222 -10.05 -5.48 -12.17
C ALA A 222 -9.40 -4.14 -11.81
N SER A 223 -8.34 -4.18 -11.02
CA SER A 223 -7.74 -3.00 -10.35
C SER A 223 -6.39 -2.68 -10.99
N THR A 224 -5.93 -1.47 -10.81
CA THR A 224 -4.67 -0.95 -11.36
C THR A 224 -3.75 -0.56 -10.21
N VAL A 225 -2.60 -1.18 -10.13
CA VAL A 225 -1.62 -0.84 -9.07
C VAL A 225 -0.38 -0.39 -9.79
N SER A 226 0.16 0.77 -9.41
CA SER A 226 1.35 1.29 -10.09
C SER A 226 2.25 2.04 -9.13
N ALA A 227 3.55 1.76 -9.25
CA ALA A 227 4.65 2.44 -8.57
C ALA A 227 4.65 3.88 -9.06
N SER A 228 5.30 4.80 -8.37
CA SER A 228 5.25 6.25 -8.68
C SER A 228 6.66 6.81 -9.02
#